data_3A1H
#
_entry.id   3A1H
#
_cell.length_a   25.990
_cell.length_b   26.490
_cell.length_c   80.210
_cell.angle_alpha   90.00
_cell.angle_beta   89.85
_cell.angle_gamma   90.00
#
_symmetry.space_group_name_H-M   'P 1 21 1'
#
loop_
_entity.id
_entity.type
_entity.pdbx_description
1 polymer 'collagen-like peptide'
2 water water
#
_entity_poly.entity_id   1
_entity_poly.type   'polypeptide(L)'
_entity_poly.pdbx_seq_one_letter_code
;PPGPPGPPGPPG(HYP)TGPPGPPGPPGPPG
;
_entity_poly.pdbx_strand_id   A,B,C,D,E,F
#
# COMPACT_ATOMS: atom_id res chain seq x y z
N GLY A 3 -3.05 -29.82 -12.93
CA GLY A 3 -2.37 -29.04 -11.88
C GLY A 3 -3.12 -27.76 -11.59
N PRO A 4 -3.31 -27.47 -10.31
CA PRO A 4 -4.08 -26.29 -9.94
C PRO A 4 -3.28 -25.03 -10.26
N PRO A 5 -3.97 -23.91 -10.30
CA PRO A 5 -3.25 -22.64 -10.44
C PRO A 5 -2.33 -22.35 -9.27
N GLY A 6 -1.20 -21.72 -9.63
CA GLY A 6 -0.39 -20.96 -8.70
C GLY A 6 -1.15 -19.92 -7.93
N PRO A 7 -0.50 -19.42 -6.88
CA PRO A 7 -1.17 -18.38 -6.09
C PRO A 7 -1.07 -17.05 -6.80
N PRO A 8 -1.80 -16.07 -6.29
CA PRO A 8 -1.64 -14.73 -6.86
C PRO A 8 -0.21 -14.21 -6.74
N GLY A 9 0.07 -13.35 -7.70
CA GLY A 9 1.20 -12.51 -7.85
C GLY A 9 1.47 -11.66 -6.59
N PRO A 10 2.68 -11.15 -6.44
CA PRO A 10 2.95 -10.14 -5.38
C PRO A 10 2.35 -8.80 -5.68
N PRO A 11 2.40 -7.91 -4.68
CA PRO A 11 1.86 -6.59 -4.96
C PRO A 11 2.64 -5.86 -6.07
N GLY A 12 1.86 -5.02 -6.77
CA GLY A 12 2.55 -4.20 -7.76
C GLY A 12 3.34 -3.07 -7.10
N THR A 14 4.48 0.75 -5.99
CA THR A 14 3.94 1.96 -5.41
C THR A 14 3.65 2.96 -6.55
N GLY A 15 2.54 3.65 -6.40
CA GLY A 15 2.06 4.70 -7.29
C GLY A 15 2.99 5.91 -7.26
N PRO A 16 2.86 6.73 -8.31
CA PRO A 16 3.71 7.93 -8.38
C PRO A 16 3.27 8.96 -7.33
N PRO A 17 4.16 9.91 -7.07
CA PRO A 17 3.76 11.02 -6.24
C PRO A 17 2.51 11.73 -6.75
N GLY A 18 1.73 12.29 -5.80
CA GLY A 18 0.59 13.12 -6.17
C GLY A 18 1.03 14.43 -6.82
N PRO A 19 0.01 15.22 -7.09
CA PRO A 19 0.20 16.54 -7.71
C PRO A 19 0.57 17.61 -6.70
N PRO A 20 1.14 18.69 -7.17
CA PRO A 20 1.48 19.76 -6.20
C PRO A 20 0.24 20.27 -5.47
N GLY A 21 0.48 20.75 -4.25
CA GLY A 21 -0.51 21.50 -3.51
C GLY A 21 -0.96 22.76 -4.21
N PRO A 22 -1.98 23.42 -3.70
CA PRO A 22 -2.37 24.71 -4.32
C PRO A 22 -1.44 25.80 -3.81
N PRO A 23 -1.54 26.92 -4.46
CA PRO A 23 -0.57 27.95 -4.03
C PRO A 23 -0.96 28.46 -2.64
N GLY A 24 -0.03 28.98 -1.81
CA GLY A 24 -0.50 29.32 -0.46
C GLY A 24 -1.44 30.53 -0.50
N PRO A 25 -1.60 31.18 0.64
CA PRO A 25 -2.37 32.42 0.80
C PRO A 25 -1.75 33.65 0.19
N PRO B 1 1.76 -32.35 -14.99
CA PRO B 1 2.59 -31.12 -15.11
C PRO B 1 2.01 -29.97 -14.30
N PRO B 2 2.81 -28.92 -14.04
CA PRO B 2 2.37 -27.80 -13.18
C PRO B 2 1.06 -27.20 -13.65
N GLY B 3 0.28 -26.65 -12.72
CA GLY B 3 -0.90 -25.92 -13.24
C GLY B 3 -0.45 -24.56 -13.82
N PRO B 4 -1.38 -23.75 -14.28
CA PRO B 4 -0.96 -22.46 -14.91
C PRO B 4 -0.58 -21.46 -13.82
N PRO B 5 0.09 -20.40 -14.21
CA PRO B 5 0.38 -19.32 -13.27
C PRO B 5 -0.89 -18.90 -12.53
N GLY B 6 -0.66 -18.43 -11.32
CA GLY B 6 -1.66 -17.71 -10.60
C GLY B 6 -2.10 -16.44 -11.33
N PRO B 7 -3.10 -15.84 -10.77
CA PRO B 7 -3.58 -14.53 -11.24
C PRO B 7 -2.63 -13.42 -10.78
N PRO B 8 -2.77 -12.24 -11.38
CA PRO B 8 -2.08 -11.03 -10.98
C PRO B 8 -2.24 -10.77 -9.47
N GLY B 9 -1.18 -10.23 -8.93
CA GLY B 9 -1.18 -9.73 -7.57
C GLY B 9 -2.01 -8.47 -7.43
N PRO B 10 -2.20 -8.03 -6.20
CA PRO B 10 -3.00 -6.82 -5.99
C PRO B 10 -2.28 -5.58 -6.47
N PRO B 11 -3.02 -4.47 -6.67
CA PRO B 11 -2.46 -3.15 -6.92
C PRO B 11 -1.51 -2.76 -5.78
N GLY B 12 -0.39 -2.15 -6.15
CA GLY B 12 0.55 -1.72 -5.11
C GLY B 12 0.03 -0.55 -4.32
N THR B 14 -0.64 3.08 -2.67
CA THR B 14 -0.79 4.46 -3.09
C THR B 14 0.55 5.20 -3.02
N GLY B 15 0.91 6.05 -3.98
CA GLY B 15 2.06 6.89 -3.95
C GLY B 15 2.11 7.86 -2.77
N PRO B 16 3.26 8.51 -2.70
CA PRO B 16 3.46 9.50 -1.64
C PRO B 16 2.89 10.88 -2.01
N PRO B 17 2.75 11.80 -1.04
CA PRO B 17 2.21 13.14 -1.36
C PRO B 17 3.08 13.86 -2.38
N GLY B 18 2.35 14.76 -2.98
CA GLY B 18 2.92 15.69 -3.94
C GLY B 18 3.72 16.79 -3.28
N PRO B 19 4.42 17.60 -4.07
CA PRO B 19 5.19 18.68 -3.45
C PRO B 19 4.27 19.81 -2.98
N PRO B 20 4.81 20.66 -2.15
CA PRO B 20 3.96 21.81 -1.81
C PRO B 20 3.73 22.69 -3.03
N GLY B 21 2.63 23.44 -2.97
CA GLY B 21 2.21 24.27 -4.10
C GLY B 21 3.09 25.51 -4.21
N PRO B 22 2.77 26.44 -5.08
CA PRO B 22 3.70 27.60 -5.20
C PRO B 22 3.29 28.69 -4.21
N PRO B 23 4.15 29.68 -4.05
CA PRO B 23 3.93 30.83 -3.17
C PRO B 23 2.65 31.57 -3.53
N GLY B 24 1.93 32.01 -2.51
CA GLY B 24 0.65 32.69 -2.68
C GLY B 24 0.80 34.03 -3.37
N PRO B 25 -0.20 34.56 -4.05
CA PRO B 25 0.02 35.84 -4.75
C PRO B 25 -0.09 37.04 -3.81
N GLY C 3 -1.35 -32.54 -11.22
CA GLY C 3 0.02 -32.05 -11.17
C GLY C 3 0.23 -31.13 -9.97
N PRO C 4 1.45 -30.61 -9.74
CA PRO C 4 1.62 -29.64 -8.63
C PRO C 4 1.18 -28.25 -9.09
N PRO C 5 1.09 -27.35 -8.13
CA PRO C 5 0.68 -25.97 -8.45
C PRO C 5 1.54 -25.35 -9.54
N GLY C 6 0.85 -24.43 -10.17
CA GLY C 6 1.44 -23.44 -11.05
C GLY C 6 2.36 -22.49 -10.35
N PRO C 7 3.03 -21.64 -11.13
CA PRO C 7 3.91 -20.66 -10.46
C PRO C 7 3.03 -19.52 -9.94
N PRO C 8 3.59 -18.75 -9.01
CA PRO C 8 2.79 -17.57 -8.61
C PRO C 8 2.59 -16.66 -9.85
N GLY C 9 1.54 -15.86 -9.78
CA GLY C 9 1.29 -14.95 -10.89
C GLY C 9 2.18 -13.74 -10.88
N PRO C 10 2.02 -12.85 -11.86
CA PRO C 10 2.83 -11.66 -11.97
C PRO C 10 2.47 -10.62 -10.92
N PRO C 11 3.36 -9.67 -10.66
CA PRO C 11 2.89 -8.58 -9.81
C PRO C 11 1.68 -7.88 -10.36
N GLY C 12 0.90 -7.23 -9.48
CA GLY C 12 -0.15 -6.36 -9.88
C GLY C 12 0.28 -5.06 -10.52
N THR C 14 0.56 -1.03 -10.85
CA THR C 14 1.06 0.12 -10.13
C THR C 14 -0.07 0.81 -9.37
N GLY C 15 0.29 1.16 -8.12
CA GLY C 15 -0.79 1.73 -7.32
C GLY C 15 -1.23 3.08 -7.76
N PRO C 16 -2.27 3.64 -7.17
CA PRO C 16 -2.82 4.96 -7.54
C PRO C 16 -1.80 6.05 -7.17
N PRO C 17 -1.98 7.22 -7.75
CA PRO C 17 -1.02 8.29 -7.41
C PRO C 17 -1.27 8.74 -5.99
N GLY C 18 -0.24 9.44 -5.45
CA GLY C 18 -0.47 9.91 -4.10
C GLY C 18 -1.42 11.08 -4.04
N PRO C 19 -1.69 11.57 -2.84
CA PRO C 19 -2.51 12.78 -2.64
C PRO C 19 -1.76 14.04 -2.97
N PRO C 20 -2.48 15.16 -3.13
CA PRO C 20 -1.88 16.44 -3.41
C PRO C 20 -1.02 16.87 -2.20
N GLY C 21 0.07 17.55 -2.47
CA GLY C 21 0.88 18.24 -1.47
C GLY C 21 0.07 19.33 -0.76
N PRO C 22 0.74 19.89 0.24
CA PRO C 22 0.16 20.97 1.02
C PRO C 22 0.25 22.29 0.27
N PRO C 23 -0.45 23.30 0.80
CA PRO C 23 -0.34 24.64 0.20
C PRO C 23 1.10 25.16 0.28
N GLY C 24 1.38 25.94 -0.78
CA GLY C 24 2.61 26.70 -0.83
C GLY C 24 2.70 27.78 0.22
N PRO C 25 3.86 28.42 0.22
CA PRO C 25 4.22 29.49 1.13
C PRO C 25 3.31 30.71 1.02
N PRO C 26 3.23 31.63 1.99
CA PRO C 26 2.32 32.78 1.88
C PRO C 26 3.02 34.01 1.36
N GLY D 3 -0.86 34.54 9.77
CA GLY D 3 -0.03 33.44 10.22
C GLY D 3 -0.56 32.10 9.78
N PRO D 4 0.27 31.44 8.97
CA PRO D 4 -0.07 30.36 8.07
C PRO D 4 0.03 28.97 8.68
N PRO D 5 -0.79 28.09 8.12
CA PRO D 5 -0.91 26.77 8.76
C PRO D 5 0.41 26.00 8.70
N GLY D 6 0.65 25.11 9.67
CA GLY D 6 1.77 24.19 9.78
C GLY D 6 1.82 23.14 8.71
N PRO D 7 2.90 22.39 8.49
CA PRO D 7 2.90 21.37 7.43
C PRO D 7 2.06 20.17 7.83
N PRO D 8 1.66 19.31 6.88
CA PRO D 8 1.02 18.00 7.22
C PRO D 8 1.79 17.29 8.33
N GLY D 9 1.21 16.54 9.27
CA GLY D 9 2.03 15.76 10.18
C GLY D 9 2.60 14.51 9.56
N PRO D 10 3.11 13.64 10.43
CA PRO D 10 3.88 12.46 9.99
C PRO D 10 2.97 11.39 9.42
N PRO D 11 3.57 10.55 8.59
CA PRO D 11 2.82 9.40 8.08
C PRO D 11 2.23 8.58 9.20
N GLY D 12 1.06 7.96 8.96
CA GLY D 12 0.46 7.06 9.91
C GLY D 12 1.26 5.79 10.12
N THR D 14 2.33 1.79 10.14
CA THR D 14 2.21 0.63 9.26
C THR D 14 0.92 -0.12 9.54
N GLY D 15 0.21 -0.55 8.45
CA GLY D 15 -1.00 -1.28 8.55
C GLY D 15 -0.87 -2.65 9.18
N PRO D 16 -2.02 -3.26 9.38
CA PRO D 16 -2.04 -4.59 10.08
C PRO D 16 -1.71 -5.71 9.13
N PRO D 17 -1.34 -6.88 9.67
CA PRO D 17 -0.93 -8.00 8.82
C PRO D 17 -2.05 -8.47 7.91
N GLY D 18 -1.75 -8.89 6.67
CA GLY D 18 -2.74 -9.47 5.77
C GLY D 18 -3.17 -10.87 6.21
N PRO D 19 -4.20 -11.40 5.53
CA PRO D 19 -4.81 -12.68 5.88
C PRO D 19 -3.86 -13.85 5.61
N PRO D 20 -4.03 -15.00 6.25
CA PRO D 20 -3.28 -16.17 5.87
C PRO D 20 -3.54 -16.56 4.41
N GLY D 21 -2.56 -17.18 3.86
CA GLY D 21 -2.64 -17.89 2.59
C GLY D 21 -3.67 -19.00 2.62
N PRO D 22 -4.01 -19.51 1.43
CA PRO D 22 -4.99 -20.59 1.39
C PRO D 22 -4.26 -21.90 1.68
N PRO D 23 -4.95 -23.04 1.91
CA PRO D 23 -4.29 -24.31 2.23
C PRO D 23 -3.38 -24.76 1.09
N GLY D 24 -2.29 -25.40 1.56
CA GLY D 24 -1.34 -25.99 0.65
C GLY D 24 -1.97 -27.12 -0.15
N PRO D 25 -1.18 -27.68 -1.06
CA PRO D 25 -1.63 -28.75 -1.93
C PRO D 25 -1.93 -30.04 -1.17
N PRO D 26 -2.69 -30.98 -1.79
CA PRO D 26 -2.86 -32.34 -1.30
C PRO D 26 -1.86 -33.32 -1.88
N GLY E 3 -0.33 30.64 13.10
CA GLY E 3 -1.21 29.86 12.25
C GLY E 3 -1.65 28.56 12.92
N PRO E 4 -2.70 27.89 12.45
CA PRO E 4 -3.20 26.60 12.96
C PRO E 4 -2.29 25.44 12.58
N PRO E 5 -2.46 24.33 13.27
CA PRO E 5 -1.63 23.15 12.93
C PRO E 5 -1.95 22.71 11.50
N GLY E 6 -0.95 22.05 10.87
CA GLY E 6 -1.19 21.48 9.53
C GLY E 6 -2.21 20.36 9.60
N PRO E 7 -2.58 19.74 8.48
CA PRO E 7 -3.53 18.63 8.49
C PRO E 7 -2.84 17.30 8.75
N PRO E 8 -3.59 16.21 8.85
CA PRO E 8 -2.99 14.92 9.20
C PRO E 8 -2.13 14.35 8.07
N GLY E 9 -0.99 13.77 8.43
CA GLY E 9 -0.06 13.13 7.49
C GLY E 9 -0.74 12.11 6.62
N PRO E 10 0.05 11.55 5.72
CA PRO E 10 -0.58 10.56 4.84
C PRO E 10 -0.84 9.24 5.56
N PRO E 11 -1.59 8.31 4.96
CA PRO E 11 -1.68 6.94 5.51
C PRO E 11 -0.36 6.26 5.47
N GLY E 12 -0.14 5.53 6.59
CA GLY E 12 1.06 4.73 6.78
C GLY E 12 1.21 3.64 5.74
N THR E 14 1.50 0.08 3.91
CA THR E 14 0.77 -1.17 3.85
C THR E 14 1.37 -2.17 4.86
N GLY E 15 0.48 -2.92 5.50
CA GLY E 15 0.78 -3.92 6.52
C GLY E 15 1.65 -5.03 5.97
N PRO E 16 2.24 -5.84 6.80
CA PRO E 16 3.06 -6.96 6.35
C PRO E 16 2.21 -8.05 5.71
N PRO E 17 2.74 -8.95 4.89
CA PRO E 17 1.90 -10.07 4.37
C PRO E 17 1.47 -10.98 5.51
N GLY E 18 0.40 -11.66 5.15
CA GLY E 18 -0.10 -12.66 6.07
C GLY E 18 0.78 -13.86 6.18
N PRO E 19 0.51 -14.75 7.13
CA PRO E 19 1.38 -15.93 7.19
C PRO E 19 1.01 -16.98 6.17
N PRO E 20 1.82 -18.03 6.00
CA PRO E 20 1.41 -19.13 5.12
C PRO E 20 0.14 -19.77 5.65
N GLY E 21 -0.54 -20.35 4.68
CA GLY E 21 -1.76 -21.04 4.97
C GLY E 21 -1.60 -22.40 5.60
N PRO E 22 -2.73 -23.08 5.81
CA PRO E 22 -2.65 -24.38 6.49
C PRO E 22 -2.17 -25.47 5.58
N PRO E 23 -1.70 -26.59 6.14
CA PRO E 23 -1.26 -27.63 5.21
C PRO E 23 -2.45 -28.17 4.39
N GLY E 24 -2.08 -28.54 3.14
CA GLY E 24 -3.12 -29.28 2.40
C GLY E 24 -3.51 -30.55 3.08
N PRO E 25 -4.52 -31.27 2.57
CA PRO E 25 -4.87 -32.52 3.26
C PRO E 25 -3.82 -33.57 2.91
N PRO E 26 -3.55 -34.57 3.73
CA PRO E 26 -2.83 -35.67 3.10
C PRO E 26 -3.63 -36.33 1.99
N PRO F 5 4.59 30.12 11.45
CA PRO F 5 3.47 29.22 11.01
C PRO F 5 3.15 28.24 12.14
N GLY F 6 2.10 27.44 11.97
CA GLY F 6 1.58 26.48 12.91
C GLY F 6 2.47 25.29 13.11
N PRO F 7 2.19 24.48 14.11
CA PRO F 7 3.03 23.26 14.21
C PRO F 7 2.60 22.22 13.17
N PRO F 8 3.39 21.18 12.88
CA PRO F 8 2.91 20.09 12.05
C PRO F 8 1.65 19.44 12.59
N GLY F 9 0.87 18.97 11.62
CA GLY F 9 -0.27 18.13 11.72
C GLY F 9 -0.08 16.85 12.44
N PRO F 10 -1.19 16.22 12.76
CA PRO F 10 -1.13 14.98 13.53
C PRO F 10 -0.77 13.80 12.65
N PRO F 11 -0.36 12.68 13.20
CA PRO F 11 -0.10 11.53 12.32
C PRO F 11 -1.34 11.13 11.52
N GLY F 12 -1.06 10.70 10.29
CA GLY F 12 -1.92 10.09 9.33
C GLY F 12 -2.60 8.83 9.83
N THR F 14 -3.71 4.91 9.93
CA THR F 14 -3.04 3.64 9.79
C THR F 14 -3.07 3.17 8.34
N GLY F 15 -1.97 2.61 7.80
CA GLY F 15 -2.11 2.13 6.40
C GLY F 15 -3.03 0.95 6.30
N PRO F 16 -3.28 0.50 5.04
CA PRO F 16 -4.09 -0.61 4.61
C PRO F 16 -3.55 -1.94 5.19
N PRO F 17 -4.44 -2.92 5.37
CA PRO F 17 -4.08 -4.33 5.65
C PRO F 17 -3.12 -4.88 4.60
N GLY F 18 -2.12 -5.65 5.05
CA GLY F 18 -1.24 -6.35 4.17
C GLY F 18 -1.91 -7.29 3.22
N PRO F 19 -1.07 -7.77 2.31
CA PRO F 19 -1.60 -8.73 1.35
C PRO F 19 -1.63 -10.11 2.00
N PRO F 20 -2.28 -11.10 1.35
CA PRO F 20 -2.31 -12.49 1.85
C PRO F 20 -0.94 -13.12 1.79
N GLY F 21 -0.82 -14.02 2.80
CA GLY F 21 0.28 -14.95 2.81
C GLY F 21 0.23 -15.97 1.72
N PRO F 22 1.36 -16.68 1.60
CA PRO F 22 1.48 -17.73 0.56
C PRO F 22 0.65 -18.95 0.93
N PRO F 23 0.33 -19.78 -0.03
CA PRO F 23 -0.22 -21.14 0.21
C PRO F 23 0.54 -21.87 1.30
N GLY F 24 -0.11 -22.70 2.11
CA GLY F 24 0.50 -23.54 3.10
C GLY F 24 1.26 -24.72 2.47
N PRO F 25 1.88 -25.41 3.39
CA PRO F 25 2.71 -26.56 3.00
C PRO F 25 1.84 -27.70 2.49
N PRO F 26 2.47 -28.56 1.69
CA PRO F 26 1.75 -29.75 1.18
C PRO F 26 1.36 -30.61 2.39
N GLY F 27 0.14 -31.12 2.38
CA GLY F 27 -0.20 -32.09 3.45
C GLY F 27 0.64 -33.36 3.31
#